data_4GV0
#
_entry.id   4GV0
#
_cell.length_a   54.679
_cell.length_b   56.729
_cell.length_c   56.953
_cell.angle_alpha   90.00
_cell.angle_beta   112.69
_cell.angle_gamma   90.00
#
_symmetry.space_group_name_H-M   'P 1 21 1'
#
loop_
_entity.id
_entity.type
_entity.pdbx_description
1 polymer 'Poly [ADP-ribose] polymerase 3'
2 non-polymer 3-(4-oxo-3,4-dihydroquinazolin-2-yl)-N-[(1S)-1-(pyridin-2-yl)ethyl]propanamide
3 non-polymer 'DIMETHYL SULFOXIDE'
4 water water
#
_entity_poly.entity_id   1
_entity_poly.type   'polypeptide(L)'
_entity_poly.pdbx_seq_one_letter_code
;SMKRVQPCSLDPATQKLITNIFSKEMFKNTMALMDLDVKKMPLGKLSKQQIARGFEALEALEEALKGPTDGGQSLEELSS
HFYTVIPHNFGHSQPPPINSPELLQAKKDMLLVLADIELAQALQAVSEQEKTVEEVPHPLDRDYQLLKCQLQLLDSGAPE
YKVIQTYLEQTGSNHRCPTLQHIWKVNQEGEEDRFQAHSKLGNRKLLWHGTNMAVVAAILTSGLRIMPHSGGRVGKGIYF
ASENSKSAGYVIGMKCGAHHVGYMFLGEVALGREHHINTDNPSLKSPPPGFDSVIARGHTEPDPTQDTELELDGQQVVVP
QGQPVPCPEFSSSTFSQSEYLIYQESQCRLRYLLEVH
;
_entity_poly.pdbx_strand_id   A
#
loop_
_chem_comp.id
_chem_comp.type
_chem_comp.name
_chem_comp.formula
8ME non-polymer 3-(4-oxo-3,4-dihydroquinazolin-2-yl)-N-[(1S)-1-(pyridin-2-yl)ethyl]propanamide 'C18 H18 N4 O2'
DMS non-polymer 'DIMETHYL SULFOXIDE' 'C2 H6 O S'
#
# COMPACT_ATOMS: atom_id res chain seq x y z
N SER A 1 4.27 -27.30 31.97
CA SER A 1 4.95 -28.13 30.93
C SER A 1 5.22 -27.34 29.64
N MET A 2 6.49 -27.23 29.31
CA MET A 2 7.01 -26.52 28.15
C MET A 2 6.36 -27.02 26.82
N LYS A 3 5.83 -26.10 26.03
CA LYS A 3 5.32 -26.45 24.73
C LYS A 3 6.54 -26.57 23.83
N ARG A 4 6.46 -27.50 22.89
CA ARG A 4 7.42 -27.62 21.79
C ARG A 4 7.22 -26.53 20.73
N VAL A 5 8.32 -25.85 20.39
CA VAL A 5 8.31 -24.92 19.25
C VAL A 5 8.78 -25.70 18.02
N GLN A 6 7.90 -25.84 17.03
CA GLN A 6 8.27 -26.64 15.85
C GLN A 6 9.25 -25.86 14.97
N PRO A 7 10.09 -26.58 14.22
CA PRO A 7 11.04 -25.89 13.37
C PRO A 7 10.37 -25.08 12.24
N CYS A 8 11.02 -23.99 11.87
CA CYS A 8 10.49 -23.10 10.85
C CYS A 8 10.50 -23.74 9.46
N SER A 9 9.37 -23.70 8.78
CA SER A 9 9.26 -24.27 7.41
C SER A 9 9.72 -23.31 6.31
N LEU A 10 9.91 -22.04 6.66
CA LEU A 10 10.17 -21.00 5.64
C LEU A 10 11.66 -20.86 5.16
N ASP A 11 11.81 -20.55 3.87
CA ASP A 11 13.12 -20.28 3.32
C ASP A 11 13.60 -18.93 3.93
N PRO A 12 14.91 -18.64 3.87
CA PRO A 12 15.54 -17.47 4.52
C PRO A 12 14.94 -16.14 4.09
N ALA A 13 14.65 -15.99 2.80
CA ALA A 13 14.14 -14.72 2.27
C ALA A 13 12.76 -14.48 2.82
N THR A 14 11.95 -15.54 2.83
CA THR A 14 10.62 -15.43 3.44
C THR A 14 10.63 -15.16 4.94
N GLN A 15 11.54 -15.79 5.69
CA GLN A 15 11.64 -15.52 7.09
C GLN A 15 11.96 -14.07 7.35
N LYS A 16 12.89 -13.55 6.54
CA LYS A 16 13.25 -12.11 6.63
C LYS A 16 12.10 -11.17 6.37
N LEU A 17 11.31 -11.47 5.33
CA LEU A 17 10.09 -10.73 5.01
C LEU A 17 9.14 -10.71 6.18
N ILE A 18 8.86 -11.88 6.72
CA ILE A 18 7.90 -12.01 7.78
C ILE A 18 8.39 -11.34 9.03
N THR A 19 9.68 -11.44 9.30
CA THR A 19 10.30 -10.69 10.40
C THR A 19 10.08 -9.18 10.23
N ASN A 20 10.42 -8.67 9.06
CA ASN A 20 10.33 -7.27 8.73
C ASN A 20 8.92 -6.70 8.85
N ILE A 21 7.92 -7.39 8.29
CA ILE A 21 6.57 -6.80 8.17
C ILE A 21 5.79 -6.86 9.48
N PHE A 22 6.22 -7.69 10.44
CA PHE A 22 5.63 -7.70 11.78
C PHE A 22 6.54 -7.12 12.85
N SER A 23 7.63 -6.48 12.44
CA SER A 23 8.64 -6.01 13.39
C SER A 23 8.11 -4.84 14.24
N LYS A 24 8.18 -5.00 15.55
CA LYS A 24 7.78 -3.92 16.44
C LYS A 24 8.64 -2.65 16.22
N GLU A 25 9.92 -2.81 15.96
CA GLU A 25 10.76 -1.68 15.75
C GLU A 25 10.31 -0.95 14.44
N MET A 26 10.01 -1.72 13.41
CA MET A 26 9.49 -1.14 12.16
C MET A 26 8.24 -0.29 12.39
N PHE A 27 7.29 -0.86 13.12
CA PHE A 27 6.03 -0.20 13.41
C PHE A 27 6.27 1.09 14.19
N LYS A 28 7.10 0.99 15.22
CA LYS A 28 7.42 2.18 16.04
C LYS A 28 8.17 3.23 15.23
N ASN A 29 9.08 2.79 14.36
CA ASN A 29 9.81 3.71 13.49
C ASN A 29 8.81 4.48 12.61
N THR A 30 7.87 3.73 12.06
CA THR A 30 6.87 4.30 11.19
C THR A 30 6.06 5.39 11.96
N MET A 31 5.67 5.10 13.21
CA MET A 31 4.93 6.03 14.01
C MET A 31 5.79 7.27 14.31
N ALA A 32 7.10 7.06 14.54
CA ALA A 32 7.99 8.21 14.69
C ALA A 32 8.09 9.03 13.43
N LEU A 33 8.25 8.42 12.26
CA LEU A 33 8.28 9.12 11.01
C LEU A 33 6.98 9.88 10.70
N MET A 34 5.87 9.44 11.30
CA MET A 34 4.62 10.21 11.19
C MET A 34 4.35 11.18 12.35
N ASP A 35 5.36 11.47 13.16
CA ASP A 35 5.25 12.41 14.28
C ASP A 35 4.39 11.95 15.45
N LEU A 36 4.13 10.64 15.57
CA LEU A 36 3.37 10.13 16.72
C LEU A 36 4.19 9.92 17.99
N ASP A 37 3.54 10.14 19.13
CA ASP A 37 4.19 9.95 20.37
C ASP A 37 4.07 8.49 20.77
N VAL A 38 5.11 7.72 20.45
CA VAL A 38 5.12 6.29 20.72
C VAL A 38 5.17 5.94 22.23
N LYS A 39 5.65 6.87 23.08
CA LYS A 39 5.65 6.66 24.53
C LYS A 39 4.23 6.74 25.07
N LYS A 40 3.43 7.66 24.53
CA LYS A 40 2.03 7.80 24.92
C LYS A 40 1.09 6.90 24.11
N MET A 41 1.55 6.33 23.00
CA MET A 41 0.78 5.39 22.14
C MET A 41 1.54 4.14 21.85
N PRO A 42 1.77 3.32 22.88
CA PRO A 42 2.49 2.10 22.56
C PRO A 42 1.68 1.19 21.67
N LEU A 43 2.35 0.29 20.98
CA LEU A 43 1.72 -0.61 19.99
C LEU A 43 0.63 -1.46 20.59
N GLY A 44 0.90 -1.94 21.81
CA GLY A 44 -0.07 -2.75 22.51
C GLY A 44 -1.27 -1.97 23.01
N LYS A 45 -1.20 -0.65 23.03
CA LYS A 45 -2.32 0.18 23.55
C LYS A 45 -3.22 0.68 22.39
N LEU A 46 -2.69 0.67 21.16
CA LEU A 46 -3.46 1.08 19.98
C LEU A 46 -4.77 0.33 19.89
N SER A 47 -5.87 1.03 19.65
CA SER A 47 -7.18 0.41 19.59
C SER A 47 -8.01 0.90 18.45
N LYS A 48 -8.99 0.08 18.05
CA LYS A 48 -9.86 0.46 16.99
C LYS A 48 -10.68 1.70 17.42
N GLN A 49 -11.10 1.71 18.68
CA GLN A 49 -11.83 2.86 19.22
C GLN A 49 -11.06 4.18 19.09
N GLN A 50 -9.79 4.18 19.45
CA GLN A 50 -9.00 5.42 19.37
C GLN A 50 -8.92 5.94 17.93
N ILE A 51 -8.58 5.04 17.01
CA ILE A 51 -8.49 5.36 15.59
C ILE A 51 -9.85 5.90 15.09
N ALA A 52 -10.96 5.22 15.44
CA ALA A 52 -12.31 5.76 15.16
C ALA A 52 -12.47 7.19 15.66
N ARG A 53 -12.09 7.43 16.91
CA ARG A 53 -12.18 8.78 17.48
C ARG A 53 -11.31 9.82 16.77
N GLY A 54 -10.15 9.37 16.33
CA GLY A 54 -9.28 10.22 15.54
C GLY A 54 -9.95 10.61 14.25
N PHE A 55 -10.59 9.66 13.55
CA PHE A 55 -11.26 10.04 12.28
C PHE A 55 -12.44 10.99 12.52
N GLU A 56 -13.23 10.73 13.56
CA GLU A 56 -14.30 11.67 13.96
C GLU A 56 -13.71 13.08 14.19
N ALA A 57 -12.56 13.17 14.83
CA ALA A 57 -11.94 14.51 15.04
C ALA A 57 -11.54 15.19 13.76
N LEU A 58 -11.03 14.41 12.81
CA LEU A 58 -10.71 14.92 11.51
C LEU A 58 -11.93 15.29 10.69
N GLU A 59 -12.98 14.49 10.81
CA GLU A 59 -14.27 14.81 10.19
C GLU A 59 -14.80 16.17 10.62
N ALA A 60 -14.68 16.47 11.92
CA ALA A 60 -15.03 17.80 12.44
C ALA A 60 -14.14 18.90 11.87
N LEU A 61 -12.83 18.63 11.74
CA LEU A 61 -11.93 19.60 11.13
C LEU A 61 -12.35 19.85 9.66
N GLU A 62 -12.74 18.81 8.94
CA GLU A 62 -13.09 18.93 7.53
C GLU A 62 -14.31 19.80 7.35
N GLU A 63 -15.27 19.64 8.26
CA GLU A 63 -16.47 20.43 8.20
C GLU A 63 -16.15 21.90 8.50
N ALA A 64 -15.34 22.16 9.53
CA ALA A 64 -14.87 23.55 9.81
C ALA A 64 -14.09 24.18 8.64
N LEU A 65 -13.21 23.41 7.97
CA LEU A 65 -12.48 23.91 6.80
C LEU A 65 -13.34 24.23 5.57
N LYS A 66 -14.52 23.62 5.48
CA LYS A 66 -15.45 23.87 4.38
C LYS A 66 -16.42 24.99 4.74
N ASP A 70 -19.66 29.90 10.73
CA ASP A 70 -20.92 29.53 11.34
C ASP A 70 -20.88 29.41 12.86
N GLY A 71 -19.77 29.83 13.49
CA GLY A 71 -19.67 29.87 14.96
C GLY A 71 -19.34 28.53 15.60
N GLY A 72 -18.89 27.55 14.81
CA GLY A 72 -18.32 26.33 15.36
C GLY A 72 -17.02 26.57 16.11
N GLN A 73 -16.44 25.51 16.65
CA GLN A 73 -15.12 25.60 17.28
C GLN A 73 -14.04 26.03 16.27
N SER A 74 -13.02 26.75 16.70
CA SER A 74 -11.96 27.20 15.78
C SER A 74 -11.13 26.00 15.32
N LEU A 75 -10.35 26.19 14.29
CA LEU A 75 -9.43 25.16 13.83
C LEU A 75 -8.44 24.80 14.95
N GLU A 76 -7.97 25.80 15.70
CA GLU A 76 -7.10 25.53 16.86
C GLU A 76 -7.74 24.57 17.87
N GLU A 77 -8.98 24.85 18.24
CA GLU A 77 -9.70 24.07 19.24
C GLU A 77 -9.90 22.63 18.72
N LEU A 78 -10.26 22.53 17.45
CA LEU A 78 -10.59 21.26 16.82
C LEU A 78 -9.31 20.45 16.60
N SER A 79 -8.21 21.13 16.30
CA SER A 79 -6.88 20.49 16.29
C SER A 79 -6.48 19.90 17.63
N SER A 80 -6.58 20.72 18.70
CA SER A 80 -6.26 20.26 20.04
C SER A 80 -6.99 18.99 20.42
N HIS A 81 -8.28 18.94 20.07
CA HIS A 81 -9.01 17.72 20.34
C HIS A 81 -8.34 16.55 19.62
N PHE A 82 -7.97 16.77 18.37
CA PHE A 82 -7.43 15.69 17.58
C PHE A 82 -6.11 15.16 18.21
N TYR A 83 -5.27 16.09 18.61
CA TYR A 83 -4.01 15.78 19.28
C TYR A 83 -4.19 15.19 20.68
N THR A 84 -5.33 15.37 21.32
CA THR A 84 -5.55 14.64 22.57
C THR A 84 -5.82 13.20 22.27
N VAL A 85 -6.62 12.98 21.24
CA VAL A 85 -7.01 11.64 20.85
C VAL A 85 -5.84 10.84 20.26
N ILE A 86 -5.03 11.51 19.45
CA ILE A 86 -3.91 10.86 18.72
C ILE A 86 -2.65 11.64 19.10
N PRO A 87 -1.94 11.19 20.17
CA PRO A 87 -0.80 11.97 20.70
C PRO A 87 0.35 12.08 19.73
N HIS A 88 0.86 13.31 19.55
CA HIS A 88 1.95 13.58 18.59
C HIS A 88 3.10 14.07 19.44
N ASN A 89 4.29 13.92 18.90
CA ASN A 89 5.51 14.36 19.53
C ASN A 89 6.21 15.29 18.53
N PHE A 90 6.33 16.53 18.94
CA PHE A 90 7.02 17.54 18.18
C PHE A 90 8.04 18.22 19.10
N GLY A 91 8.97 17.44 19.61
CA GLY A 91 9.98 17.92 20.59
C GLY A 91 9.37 18.43 21.90
N HIS A 92 8.25 17.83 22.31
CA HIS A 92 7.42 18.43 23.38
C HIS A 92 7.21 19.98 23.24
N SER A 93 7.06 20.45 22.00
CA SER A 93 6.43 21.76 21.68
C SER A 93 5.01 21.46 21.30
N GLN A 94 4.22 22.51 21.06
CA GLN A 94 2.83 22.36 20.67
C GLN A 94 2.70 21.87 19.22
N PRO A 95 1.91 20.80 18.98
CA PRO A 95 1.68 20.35 17.59
C PRO A 95 0.98 21.44 16.82
N PRO A 96 1.11 21.45 15.47
CA PRO A 96 0.59 22.58 14.73
C PRO A 96 -0.88 22.37 14.25
N PRO A 97 -1.61 23.45 13.95
CA PRO A 97 -3.05 23.40 13.61
C PRO A 97 -3.29 22.88 12.22
N ILE A 98 -4.37 22.12 12.07
CA ILE A 98 -4.68 21.40 10.85
C ILE A 98 -5.65 22.34 10.09
N ASN A 99 -5.06 23.22 9.30
CA ASN A 99 -5.79 24.39 8.81
C ASN A 99 -5.71 24.55 7.32
N SER A 100 -5.51 23.43 6.63
CA SER A 100 -5.40 23.35 5.16
C SER A 100 -5.88 21.99 4.67
N PRO A 101 -6.38 21.90 3.43
CA PRO A 101 -6.83 20.58 2.88
C PRO A 101 -5.67 19.58 2.73
N GLU A 102 -4.47 20.12 2.51
CA GLU A 102 -3.28 19.30 2.39
C GLU A 102 -2.94 18.63 3.71
N LEU A 103 -2.98 19.42 4.79
CA LEU A 103 -2.63 18.89 6.10
C LEU A 103 -3.73 17.93 6.62
N LEU A 104 -4.96 18.22 6.24
CA LEU A 104 -6.08 17.36 6.62
C LEU A 104 -5.91 15.99 5.95
N GLN A 105 -5.65 15.95 4.64
CA GLN A 105 -5.43 14.68 3.99
C GLN A 105 -4.17 14.00 4.54
N ALA A 106 -3.12 14.74 4.90
CA ALA A 106 -1.91 14.14 5.49
C ALA A 106 -2.23 13.36 6.79
N LYS A 107 -3.00 14.01 7.65
CA LYS A 107 -3.48 13.38 8.88
C LYS A 107 -4.43 12.19 8.61
N LYS A 108 -5.32 12.31 7.63
CA LYS A 108 -6.15 11.14 7.28
C LYS A 108 -5.28 9.96 6.82
N ASP A 109 -4.25 10.26 6.04
CA ASP A 109 -3.34 9.24 5.55
C ASP A 109 -2.49 8.58 6.67
N MET A 110 -1.99 9.42 7.58
CA MET A 110 -1.36 8.92 8.79
C MET A 110 -2.28 7.95 9.53
N LEU A 111 -3.53 8.30 9.72
CA LEU A 111 -4.44 7.40 10.47
C LEU A 111 -4.77 6.13 9.76
N LEU A 112 -4.84 6.18 8.44
CA LEU A 112 -5.00 4.97 7.62
C LEU A 112 -3.80 4.02 7.77
N VAL A 113 -2.58 4.60 7.80
CA VAL A 113 -1.39 3.81 8.19
C VAL A 113 -1.51 3.23 9.60
N LEU A 114 -1.83 4.06 10.60
CA LEU A 114 -1.93 3.62 11.94
C LEU A 114 -2.98 2.50 12.12
N ALA A 115 -4.11 2.63 11.41
CA ALA A 115 -5.15 1.59 11.37
C ALA A 115 -4.62 0.25 10.91
N ASP A 116 -3.73 0.25 9.93
CA ASP A 116 -3.13 -0.98 9.48
C ASP A 116 -2.08 -1.51 10.44
N ILE A 117 -1.43 -0.63 11.19
CA ILE A 117 -0.53 -1.05 12.23
C ILE A 117 -1.37 -1.76 13.32
N GLU A 118 -2.43 -1.13 13.76
CA GLU A 118 -3.36 -1.75 14.73
C GLU A 118 -3.94 -3.10 14.23
N LEU A 119 -4.26 -3.18 12.95
CA LEU A 119 -4.68 -4.43 12.35
C LEU A 119 -3.63 -5.52 12.56
N ALA A 120 -2.35 -5.19 12.31
CA ALA A 120 -1.30 -6.17 12.45
C ALA A 120 -1.15 -6.63 13.89
N GLN A 121 -1.34 -5.72 14.85
CA GLN A 121 -1.32 -6.09 16.27
C GLN A 121 -2.50 -6.97 16.64
N ALA A 122 -3.69 -6.59 16.22
CA ALA A 122 -4.92 -7.39 16.46
C ALA A 122 -4.79 -8.77 15.80
N LEU A 123 -4.17 -8.84 14.62
CA LEU A 123 -4.00 -10.12 13.96
C LEU A 123 -3.16 -11.06 14.84
N GLN A 124 -2.18 -10.52 15.53
CA GLN A 124 -1.25 -11.30 16.34
C GLN A 124 -1.72 -11.70 17.73
N ALA A 125 -2.88 -11.24 18.18
CA ALA A 125 -3.40 -11.64 19.49
C ALA A 125 -3.42 -13.19 19.58
N VAL A 126 -2.98 -13.73 20.72
CA VAL A 126 -2.95 -15.18 20.94
C VAL A 126 -4.36 -15.73 21.18
N SER A 127 -4.79 -16.68 20.35
CA SER A 127 -6.11 -17.28 20.49
C SER A 127 -6.13 -18.31 21.64
N GLU A 128 -7.32 -18.69 22.12
CA GLU A 128 -7.38 -19.73 23.17
C GLU A 128 -7.00 -21.14 22.65
N GLN A 129 -7.27 -21.45 21.38
CA GLN A 129 -6.80 -22.70 20.73
C GLN A 129 -5.27 -22.81 20.81
N GLU A 130 -4.61 -21.67 20.67
CA GLU A 130 -3.17 -21.59 20.74
C GLU A 130 -2.66 -21.79 22.17
N LYS A 131 -3.43 -21.36 23.16
CA LYS A 131 -3.04 -21.50 24.56
C LYS A 131 -3.15 -22.96 25.06
N THR A 132 -4.09 -23.71 24.47
CA THR A 132 -4.33 -25.11 24.85
C THR A 132 -3.41 -26.16 24.11
N VAL A 133 -3.07 -25.96 22.82
CA VAL A 133 -2.26 -26.95 22.07
C VAL A 133 -0.87 -27.10 22.70
N GLU A 134 -0.32 -28.31 22.62
CA GLU A 134 0.94 -28.61 23.31
C GLU A 134 2.22 -28.35 22.47
N GLU A 135 2.04 -28.11 21.17
CA GLU A 135 3.09 -27.67 20.33
C GLU A 135 2.63 -26.42 19.55
N VAL A 136 3.54 -25.47 19.37
CA VAL A 136 3.29 -24.31 18.57
C VAL A 136 4.20 -24.22 17.31
N PRO A 137 3.71 -23.55 16.25
CA PRO A 137 4.60 -23.29 15.13
C PRO A 137 5.72 -22.35 15.56
N HIS A 138 6.83 -22.43 14.87
CA HIS A 138 7.81 -21.37 14.93
C HIS A 138 7.13 -19.98 14.76
N PRO A 139 7.56 -18.98 15.53
CA PRO A 139 6.97 -17.64 15.47
C PRO A 139 6.82 -17.14 14.07
N LEU A 140 7.75 -17.45 13.17
CA LEU A 140 7.60 -16.94 11.80
C LEU A 140 6.59 -17.71 10.98
N ASP A 141 6.47 -19.00 11.23
CA ASP A 141 5.43 -19.76 10.62
C ASP A 141 4.07 -19.27 11.13
N ARG A 142 3.99 -18.98 12.42
CA ARG A 142 2.73 -18.54 12.95
C ARG A 142 2.30 -17.22 12.24
N ASP A 143 3.25 -16.30 12.15
CA ASP A 143 2.98 -15.00 11.55
C ASP A 143 2.63 -15.12 10.08
N TYR A 144 3.35 -15.93 9.33
CA TYR A 144 2.97 -16.20 7.98
C TYR A 144 1.51 -16.75 7.88
N GLN A 145 1.17 -17.73 8.70
CA GLN A 145 -0.17 -18.36 8.64
C GLN A 145 -1.30 -17.37 8.94
N LEU A 146 -1.03 -16.45 9.85
CA LEU A 146 -1.96 -15.37 10.17
C LEU A 146 -2.39 -14.57 8.96
N LEU A 147 -1.50 -14.42 7.95
CA LEU A 147 -1.81 -13.64 6.74
C LEU A 147 -2.91 -14.27 5.90
N LYS A 148 -3.09 -15.58 6.05
CA LYS A 148 -3.92 -16.36 5.16
C LYS A 148 -3.67 -15.98 3.67
N CYS A 149 -2.39 -15.94 3.31
CA CYS A 149 -1.96 -15.47 1.99
C CYS A 149 -0.81 -16.36 1.57
N GLN A 150 -0.91 -17.05 0.44
CA GLN A 150 0.24 -17.86 -0.01
C GLN A 150 1.29 -16.95 -0.69
N LEU A 151 2.54 -17.09 -0.22
CA LEU A 151 3.67 -16.43 -0.83
C LEU A 151 4.62 -17.49 -1.33
N GLN A 152 4.96 -17.42 -2.60
CA GLN A 152 5.93 -18.35 -3.17
C GLN A 152 7.10 -17.57 -3.74
N LEU A 153 8.28 -17.82 -3.21
CA LEU A 153 9.51 -17.16 -3.67
C LEU A 153 9.90 -17.68 -5.05
N LEU A 154 10.23 -16.73 -5.93
CA LEU A 154 10.59 -17.07 -7.30
C LEU A 154 12.07 -17.14 -7.43
N ASP A 155 12.54 -18.06 -8.28
CA ASP A 155 13.94 -18.08 -8.65
C ASP A 155 14.05 -17.44 -10.02
N SER A 156 15.28 -17.12 -10.39
CA SER A 156 15.57 -16.15 -11.46
C SER A 156 15.29 -16.75 -12.84
N GLY A 157 14.96 -18.05 -12.86
CA GLY A 157 14.54 -18.70 -14.08
C GLY A 157 13.02 -18.91 -14.18
N ALA A 158 12.25 -18.44 -13.17
CA ALA A 158 10.77 -18.44 -13.25
C ALA A 158 10.34 -17.62 -14.49
N PRO A 159 9.26 -18.08 -15.15
CA PRO A 159 8.87 -17.53 -16.43
C PRO A 159 8.65 -16.04 -16.44
N GLU A 160 8.11 -15.50 -15.37
CA GLU A 160 7.82 -14.10 -15.29
C GLU A 160 8.96 -13.29 -14.67
N TYR A 161 10.01 -13.97 -14.17
CA TYR A 161 11.05 -13.27 -13.37
C TYR A 161 11.72 -12.12 -14.14
N LYS A 162 12.24 -12.45 -15.33
CA LYS A 162 12.88 -11.48 -16.25
C LYS A 162 11.97 -10.34 -16.70
N VAL A 163 10.73 -10.69 -16.96
CA VAL A 163 9.76 -9.71 -17.35
C VAL A 163 9.58 -8.69 -16.21
N ILE A 164 9.55 -9.18 -14.97
CA ILE A 164 9.34 -8.29 -13.81
C ILE A 164 10.58 -7.41 -13.61
N GLN A 165 11.74 -8.02 -13.75
CA GLN A 165 12.99 -7.35 -13.54
C GLN A 165 13.15 -6.25 -14.55
N THR A 166 12.76 -6.53 -15.81
CA THR A 166 12.79 -5.56 -16.90
C THR A 166 11.84 -4.39 -16.66
N TYR A 167 10.62 -4.68 -16.20
CA TYR A 167 9.67 -3.63 -15.79
C TYR A 167 10.30 -2.74 -14.72
N LEU A 168 10.87 -3.34 -13.66
CA LEU A 168 11.53 -2.60 -12.62
C LEU A 168 12.66 -1.74 -13.16
N GLU A 169 13.52 -2.33 -13.97
CA GLU A 169 14.73 -1.65 -14.41
C GLU A 169 14.44 -0.55 -15.45
N GLN A 170 13.54 -0.84 -16.37
CA GLN A 170 13.22 0.12 -17.41
C GLN A 170 12.41 1.32 -16.93
N THR A 171 11.60 1.18 -15.88
CA THR A 171 10.72 2.25 -15.43
C THR A 171 11.08 2.78 -14.06
N GLY A 172 12.11 2.21 -13.41
CA GLY A 172 12.63 2.76 -12.18
C GLY A 172 13.51 4.00 -12.39
N SER A 173 13.94 4.66 -11.32
CA SER A 173 14.82 5.86 -11.49
C SER A 173 16.02 5.56 -12.41
N ASN A 174 16.37 6.49 -13.31
CA ASN A 174 17.53 6.21 -14.20
C ASN A 174 18.87 6.20 -13.44
N HIS A 175 19.01 7.09 -12.47
CA HIS A 175 20.31 7.22 -11.80
C HIS A 175 20.59 6.22 -10.67
N ARG A 176 19.59 6.05 -9.78
CA ARG A 176 19.71 5.19 -8.58
C ARG A 176 18.52 4.17 -8.50
N CYS A 177 18.49 3.25 -9.44
CA CYS A 177 17.37 2.31 -9.57
C CYS A 177 17.27 1.43 -8.33
N PRO A 178 16.04 1.09 -7.89
CA PRO A 178 16.02 0.07 -6.85
C PRO A 178 16.63 -1.22 -7.32
N THR A 179 17.37 -1.89 -6.42
CA THR A 179 17.99 -3.16 -6.74
C THR A 179 17.07 -4.30 -6.30
N LEU A 180 16.73 -5.15 -7.25
CA LEU A 180 15.87 -6.28 -6.99
C LEU A 180 16.57 -7.32 -6.11
N GLN A 181 15.98 -7.61 -4.97
CA GLN A 181 16.51 -8.70 -4.08
C GLN A 181 15.70 -9.97 -4.24
N HIS A 182 14.38 -9.87 -4.06
CA HIS A 182 13.49 -11.07 -4.17
C HIS A 182 12.18 -10.72 -4.81
N ILE A 183 11.52 -11.72 -5.38
CA ILE A 183 10.15 -11.61 -5.83
C ILE A 183 9.37 -12.78 -5.30
N TRP A 184 8.18 -12.51 -4.69
CA TRP A 184 7.28 -13.57 -4.32
C TRP A 184 6.02 -13.45 -5.17
N LYS A 185 5.53 -14.60 -5.61
CA LYS A 185 4.17 -14.64 -6.17
C LYS A 185 3.20 -14.59 -4.97
N VAL A 186 2.14 -13.79 -5.12
CA VAL A 186 1.17 -13.58 -4.04
C VAL A 186 -0.15 -14.19 -4.47
N ASN A 187 -0.70 -15.07 -3.63
CA ASN A 187 -2.02 -15.65 -3.86
C ASN A 187 -2.85 -15.48 -2.59
N GLN A 188 -3.52 -14.35 -2.48
CA GLN A 188 -4.50 -14.17 -1.45
C GLN A 188 -5.78 -14.72 -2.03
N GLU A 189 -6.23 -15.87 -1.54
CA GLU A 189 -7.54 -16.37 -1.92
C GLU A 189 -8.62 -15.61 -1.12
N GLY A 190 -9.83 -15.59 -1.67
CA GLY A 190 -10.80 -14.60 -1.21
C GLY A 190 -10.79 -13.47 -2.23
N GLU A 191 -9.60 -13.17 -2.75
CA GLU A 191 -9.46 -12.33 -3.94
C GLU A 191 -9.90 -13.00 -5.23
N GLU A 192 -9.67 -14.31 -5.35
CA GLU A 192 -9.91 -15.00 -6.64
C GLU A 192 -11.31 -14.73 -7.21
N ASP A 193 -12.32 -14.76 -6.36
CA ASP A 193 -13.68 -14.84 -6.85
C ASP A 193 -14.22 -13.48 -7.28
N ARG A 194 -14.07 -12.47 -6.42
CA ARG A 194 -14.47 -11.12 -6.80
C ARG A 194 -13.73 -10.64 -8.05
N PHE A 195 -12.48 -11.07 -8.23
CA PHE A 195 -11.70 -10.67 -9.39
C PHE A 195 -12.21 -11.34 -10.66
N GLN A 196 -12.54 -12.63 -10.55
CA GLN A 196 -13.16 -13.39 -11.67
C GLN A 196 -14.39 -12.64 -12.20
N ALA A 197 -15.10 -11.94 -11.31
CA ALA A 197 -16.23 -11.10 -11.70
C ALA A 197 -15.88 -10.16 -12.91
N HIS A 198 -14.64 -9.70 -12.99
CA HIS A 198 -14.23 -8.83 -14.10
C HIS A 198 -13.58 -9.58 -15.29
N SER A 199 -13.82 -10.89 -15.37
CA SER A 199 -13.22 -11.73 -16.45
C SER A 199 -13.57 -11.24 -17.86
N LYS A 200 -14.74 -10.60 -18.00
CA LYS A 200 -15.22 -10.06 -19.28
C LYS A 200 -14.42 -8.80 -19.65
N LEU A 201 -13.95 -8.09 -18.62
CA LEU A 201 -13.17 -6.87 -18.75
C LEU A 201 -11.79 -7.19 -19.34
N GLY A 202 -11.61 -6.83 -20.60
CA GLY A 202 -10.31 -6.87 -21.17
C GLY A 202 -9.55 -5.72 -20.50
N ASN A 203 -8.55 -5.26 -21.21
CA ASN A 203 -7.66 -4.25 -20.74
C ASN A 203 -7.14 -4.48 -19.29
N ARG A 204 -6.36 -5.51 -19.11
CA ARG A 204 -5.75 -5.80 -17.83
C ARG A 204 -4.31 -5.36 -17.94
N LYS A 205 -3.77 -4.78 -16.88
CA LYS A 205 -2.37 -4.37 -16.82
C LYS A 205 -1.78 -4.66 -15.42
N LEU A 206 -0.51 -5.03 -15.42
CA LEU A 206 0.24 -5.25 -14.19
C LEU A 206 0.89 -3.91 -13.83
N LEU A 207 0.50 -3.39 -12.69
CA LEU A 207 0.86 -2.07 -12.23
C LEU A 207 1.51 -2.05 -10.87
N TRP A 208 2.33 -1.03 -10.64
CA TRP A 208 3.06 -0.87 -9.40
C TRP A 208 2.17 -0.26 -8.32
N HIS A 209 2.36 -0.71 -7.10
CA HIS A 209 1.76 -0.06 -5.93
C HIS A 209 2.78 -0.07 -4.81
N GLY A 210 3.36 1.10 -4.50
CA GLY A 210 4.26 1.24 -3.34
C GLY A 210 3.55 1.64 -2.06
N THR A 211 4.07 1.18 -0.90
CA THR A 211 3.51 1.58 0.39
C THR A 211 4.58 1.58 1.44
N ASN A 212 4.24 2.12 2.61
CA ASN A 212 4.98 1.94 3.87
C ASN A 212 5.15 0.45 4.18
N MET A 213 6.30 0.08 4.75
CA MET A 213 6.45 -1.30 5.20
C MET A 213 5.40 -1.68 6.27
N ALA A 214 4.94 -0.68 7.05
CA ALA A 214 3.95 -0.88 8.11
C ALA A 214 2.58 -1.30 7.60
N VAL A 215 2.28 -1.20 6.31
CA VAL A 215 0.96 -1.60 5.86
C VAL A 215 0.99 -2.91 5.03
N VAL A 216 2.18 -3.51 4.86
CA VAL A 216 2.35 -4.69 4.02
C VAL A 216 1.60 -5.91 4.56
N ALA A 217 1.66 -6.13 5.89
CA ALA A 217 0.92 -7.23 6.52
C ALA A 217 -0.57 -7.04 6.27
N ALA A 218 -1.06 -5.83 6.50
CA ALA A 218 -2.49 -5.53 6.25
C ALA A 218 -2.88 -5.82 4.81
N ILE A 219 -2.07 -5.39 3.85
CA ILE A 219 -2.35 -5.68 2.46
C ILE A 219 -2.35 -7.17 2.15
N LEU A 220 -1.39 -7.91 2.72
CA LEU A 220 -1.36 -9.35 2.44
C LEU A 220 -2.60 -10.04 3.02
N THR A 221 -3.14 -9.55 4.12
CA THR A 221 -4.32 -10.15 4.71
C THR A 221 -5.61 -9.77 4.00
N SER A 222 -5.69 -8.53 3.50
CA SER A 222 -6.92 -7.95 3.07
C SER A 222 -6.99 -7.34 1.67
N GLY A 223 -5.87 -7.39 0.91
CA GLY A 223 -5.80 -6.82 -0.40
C GLY A 223 -5.67 -5.30 -0.33
N LEU A 224 -5.57 -4.67 -1.49
CA LEU A 224 -5.59 -3.18 -1.59
C LEU A 224 -7.03 -2.71 -1.39
N ARG A 225 -7.19 -1.68 -0.59
CA ARG A 225 -8.51 -1.27 -0.11
C ARG A 225 -8.74 0.21 -0.39
N ILE A 226 -10.02 0.58 -0.46
CA ILE A 226 -10.40 1.96 -0.46
C ILE A 226 -11.14 2.18 0.85
N MET A 227 -10.72 3.18 1.62
CA MET A 227 -11.46 3.51 2.88
C MET A 227 -12.19 4.83 2.82
N PRO A 228 -13.10 5.02 3.76
CA PRO A 228 -13.92 6.24 3.64
C PRO A 228 -13.12 7.55 3.58
N HIS A 229 -11.96 7.60 4.23
CA HIS A 229 -11.15 8.80 4.18
C HIS A 229 -9.99 8.68 3.18
N SER A 230 -9.96 7.66 2.34
CA SER A 230 -8.95 7.61 1.24
C SER A 230 -9.09 8.81 0.29
N GLY A 231 -7.99 9.32 -0.21
CA GLY A 231 -8.03 10.52 -1.05
C GLY A 231 -6.72 10.67 -1.77
N GLY A 232 -6.62 11.76 -2.54
CA GLY A 232 -5.40 12.13 -3.25
C GLY A 232 -5.80 12.93 -4.48
N ARG A 233 -4.89 13.05 -5.44
CA ARG A 233 -5.04 13.91 -6.61
C ARG A 233 -6.09 13.44 -7.59
N VAL A 234 -6.51 12.17 -7.48
CA VAL A 234 -7.54 11.60 -8.30
C VAL A 234 -8.70 10.96 -7.52
N GLY A 235 -8.91 11.45 -6.29
CA GLY A 235 -10.06 11.08 -5.48
C GLY A 235 -9.90 9.77 -4.73
N LYS A 236 -11.03 9.12 -4.46
CA LYS A 236 -11.14 8.06 -3.42
C LYS A 236 -11.09 6.74 -4.11
N GLY A 237 -9.88 6.35 -4.50
CA GLY A 237 -9.69 5.05 -5.15
C GLY A 237 -8.43 4.40 -4.68
N ILE A 238 -8.00 3.36 -5.40
CA ILE A 238 -6.70 2.72 -5.24
C ILE A 238 -5.78 3.19 -6.38
N TYR A 239 -4.61 3.73 -5.99
CA TYR A 239 -3.67 4.34 -6.89
C TYR A 239 -2.58 3.37 -7.29
N PHE A 240 -2.31 3.33 -8.58
CA PHE A 240 -1.21 2.55 -9.13
C PHE A 240 -0.37 3.44 -10.06
N ALA A 241 0.82 2.94 -10.39
CA ALA A 241 1.62 3.59 -11.41
C ALA A 241 2.18 2.56 -12.40
N SER A 242 2.38 2.98 -13.65
CA SER A 242 3.09 2.16 -14.65
C SER A 242 4.59 2.40 -14.57
N GLU A 243 5.01 3.49 -13.92
CA GLU A 243 6.43 3.76 -13.73
C GLU A 243 6.81 3.44 -12.28
N ASN A 244 7.68 2.46 -12.13
CA ASN A 244 8.17 2.09 -10.81
C ASN A 244 8.65 3.29 -9.98
N SER A 245 9.31 4.24 -10.64
CA SER A 245 9.85 5.42 -9.95
C SER A 245 8.75 6.21 -9.26
N LYS A 246 7.55 6.31 -9.88
CA LYS A 246 6.43 6.97 -9.23
C LYS A 246 5.98 6.22 -7.95
N SER A 247 5.68 4.92 -8.02
CA SER A 247 5.32 4.13 -6.86
C SER A 247 6.40 4.07 -5.77
N ALA A 248 7.65 4.09 -6.23
CA ALA A 248 8.80 3.98 -5.33
C ALA A 248 8.86 5.16 -4.37
N GLY A 249 8.27 6.28 -4.79
CA GLY A 249 8.19 7.47 -3.98
C GLY A 249 7.34 7.34 -2.73
N TYR A 250 6.51 6.30 -2.70
CA TYR A 250 5.66 6.01 -1.55
C TYR A 250 6.24 4.97 -0.68
N VAL A 251 7.37 4.38 -1.10
CA VAL A 251 7.98 3.32 -0.34
C VAL A 251 8.77 3.99 0.73
N ILE A 252 8.33 3.67 1.94
CA ILE A 252 9.05 3.96 3.13
C ILE A 252 9.72 2.62 3.50
N GLY A 253 11.04 2.71 3.26
CA GLY A 253 11.97 1.69 3.59
C GLY A 253 12.51 1.89 5.00
N MET A 254 13.40 0.99 5.36
CA MET A 254 13.92 0.95 6.71
C MET A 254 15.36 0.54 6.58
N LYS A 255 16.21 1.24 7.34
CA LYS A 255 17.61 0.90 7.42
C LYS A 255 17.75 -0.40 8.19
N CYS A 256 18.42 -1.35 7.56
CA CYS A 256 18.78 -2.64 8.17
C CYS A 256 20.22 -2.88 7.83
N GLY A 257 21.06 -3.01 8.87
CA GLY A 257 22.51 -3.13 8.64
C GLY A 257 23.00 -1.92 7.84
N ALA A 258 23.76 -2.18 6.77
CA ALA A 258 24.25 -1.09 5.93
C ALA A 258 23.37 -0.88 4.68
N HIS A 259 22.18 -1.46 4.63
CA HIS A 259 21.32 -1.24 3.46
C HIS A 259 19.95 -0.71 3.85
N HIS A 260 19.17 -0.45 2.83
CA HIS A 260 17.89 0.18 2.99
C HIS A 260 16.85 -0.74 2.34
N VAL A 261 15.94 -1.33 3.12
CA VAL A 261 15.02 -2.37 2.58
C VAL A 261 13.63 -1.77 2.34
N GLY A 262 13.06 -2.08 1.21
CA GLY A 262 11.71 -1.62 0.86
C GLY A 262 10.97 -2.74 0.16
N TYR A 263 9.65 -2.66 0.23
CA TYR A 263 8.74 -3.63 -0.43
C TYR A 263 7.75 -2.94 -1.37
N MET A 264 7.47 -3.56 -2.52
CA MET A 264 6.58 -2.93 -3.54
C MET A 264 5.72 -4.05 -4.09
N PHE A 265 4.46 -3.75 -4.39
CA PHE A 265 3.60 -4.72 -5.00
C PHE A 265 3.44 -4.49 -6.50
N LEU A 266 3.17 -5.60 -7.20
CA LEU A 266 2.57 -5.56 -8.51
C LEU A 266 1.17 -6.14 -8.40
N GLY A 267 0.18 -5.38 -8.84
CA GLY A 267 -1.15 -5.90 -8.94
C GLY A 267 -1.65 -6.02 -10.35
N GLU A 268 -2.48 -7.02 -10.60
CA GLU A 268 -3.20 -7.12 -11.87
C GLU A 268 -4.44 -6.27 -11.72
N VAL A 269 -4.59 -5.28 -12.60
CA VAL A 269 -5.72 -4.31 -12.56
C VAL A 269 -6.54 -4.46 -13.88
N ALA A 270 -7.82 -4.76 -13.71
CA ALA A 270 -8.77 -4.84 -14.77
C ALA A 270 -9.24 -3.44 -15.08
N LEU A 271 -8.60 -2.79 -16.02
CA LEU A 271 -8.83 -1.35 -16.20
C LEU A 271 -10.09 -1.08 -17.05
N GLY A 272 -10.43 -2.04 -17.90
CA GLY A 272 -11.58 -1.92 -18.82
C GLY A 272 -11.49 -0.65 -19.67
N ARG A 273 -12.59 0.12 -19.68
CA ARG A 273 -12.69 1.33 -20.50
C ARG A 273 -12.18 2.50 -19.72
N GLU A 274 -11.09 3.03 -20.23
CA GLU A 274 -10.30 4.05 -19.49
C GLU A 274 -10.82 5.44 -19.76
N HIS A 275 -11.06 6.23 -18.70
CA HIS A 275 -11.27 7.67 -18.82
C HIS A 275 -9.97 8.39 -18.50
N HIS A 276 -9.45 9.17 -19.45
CA HIS A 276 -8.18 9.85 -19.28
C HIS A 276 -8.39 11.27 -18.86
N ILE A 277 -7.66 11.71 -17.84
CA ILE A 277 -7.73 13.11 -17.43
C ILE A 277 -6.35 13.74 -17.43
N ASN A 278 -6.28 15.07 -17.51
CA ASN A 278 -4.96 15.76 -17.48
C ASN A 278 -4.85 16.88 -16.44
N THR A 279 -5.77 16.92 -15.49
CA THR A 279 -5.76 17.83 -14.35
C THR A 279 -6.30 17.13 -13.12
N ASP A 280 -5.78 17.53 -11.94
CA ASP A 280 -6.13 16.96 -10.64
C ASP A 280 -7.63 17.00 -10.45
N ASN A 281 -8.21 15.94 -9.91
CA ASN A 281 -9.61 16.03 -9.45
C ASN A 281 -9.76 15.24 -8.17
N PRO A 282 -9.46 15.86 -7.01
CA PRO A 282 -9.52 15.11 -5.74
C PRO A 282 -10.92 14.73 -5.28
N SER A 283 -11.94 15.23 -5.95
CA SER A 283 -13.34 14.93 -5.64
C SER A 283 -13.92 13.63 -6.29
N LEU A 284 -13.18 12.95 -7.16
CA LEU A 284 -13.67 11.76 -7.81
C LEU A 284 -13.88 10.63 -6.82
N LYS A 285 -15.00 9.94 -7.00
CA LYS A 285 -15.36 8.80 -6.19
C LYS A 285 -15.67 7.57 -7.08
N SER A 286 -15.76 7.78 -8.40
CA SER A 286 -15.89 6.68 -9.39
C SER A 286 -15.52 7.28 -10.74
N PRO A 287 -15.30 6.42 -11.76
CA PRO A 287 -15.11 6.95 -13.08
C PRO A 287 -16.43 7.50 -13.60
N PRO A 288 -16.36 8.34 -14.65
CA PRO A 288 -17.64 8.78 -15.20
C PRO A 288 -18.47 7.60 -15.74
N PRO A 289 -19.78 7.82 -15.91
CA PRO A 289 -20.62 6.76 -16.39
C PRO A 289 -20.11 6.20 -17.66
N GLY A 290 -20.15 4.87 -17.77
CA GLY A 290 -19.60 4.16 -18.92
C GLY A 290 -18.13 3.78 -18.85
N PHE A 291 -17.45 4.16 -17.79
CA PHE A 291 -15.99 3.94 -17.72
C PHE A 291 -15.65 3.09 -16.53
N ASP A 292 -14.57 2.33 -16.63
CA ASP A 292 -14.21 1.38 -15.54
C ASP A 292 -12.97 1.82 -14.74
N SER A 293 -12.28 2.83 -15.22
CA SER A 293 -11.10 3.36 -14.55
C SER A 293 -10.84 4.83 -14.99
N VAL A 294 -10.04 5.54 -14.19
CA VAL A 294 -9.56 6.87 -14.50
C VAL A 294 -8.05 6.83 -14.54
N ILE A 295 -7.49 7.31 -15.63
CA ILE A 295 -6.03 7.41 -15.72
C ILE A 295 -5.69 8.86 -15.85
N ALA A 296 -5.00 9.34 -14.84
CA ALA A 296 -4.40 10.66 -14.84
C ALA A 296 -3.12 10.51 -15.62
N ARG A 297 -3.12 10.99 -16.87
CA ARG A 297 -2.05 10.71 -17.80
C ARG A 297 -0.84 11.63 -17.60
N GLY A 298 0.31 10.98 -17.53
CA GLY A 298 1.57 11.69 -17.33
C GLY A 298 2.15 12.23 -18.61
N HIS A 299 3.12 13.13 -18.44
CA HIS A 299 3.92 13.65 -19.59
C HIS A 299 4.66 12.54 -20.28
N THR A 300 4.93 11.46 -19.52
CA THR A 300 5.56 10.28 -20.05
C THR A 300 4.78 9.00 -19.78
N GLU A 301 5.18 7.93 -20.47
CA GLU A 301 4.59 6.63 -20.28
C GLU A 301 5.60 5.62 -20.73
N PRO A 302 5.75 4.50 -20.00
CA PRO A 302 6.60 3.46 -20.55
C PRO A 302 6.25 3.14 -22.01
N ASP A 303 7.25 3.16 -22.90
CA ASP A 303 7.01 3.10 -24.35
C ASP A 303 6.08 1.95 -24.69
N PRO A 304 4.85 2.24 -25.14
CA PRO A 304 3.88 1.15 -25.35
C PRO A 304 4.28 0.12 -26.42
N THR A 305 5.16 0.50 -27.34
CA THR A 305 5.60 -0.42 -28.40
C THR A 305 6.37 -1.56 -27.80
N GLN A 306 6.79 -1.41 -26.54
CA GLN A 306 7.61 -2.41 -25.86
C GLN A 306 6.82 -3.27 -24.84
N ASP A 307 5.51 -3.05 -24.75
CA ASP A 307 4.69 -3.80 -23.81
C ASP A 307 4.83 -5.26 -24.16
N THR A 308 4.87 -6.12 -23.18
CA THR A 308 4.67 -7.53 -23.44
C THR A 308 3.42 -7.98 -22.70
N GLU A 309 3.18 -9.28 -22.69
CA GLU A 309 2.05 -9.86 -21.96
C GLU A 309 2.48 -11.06 -21.14
N LEU A 310 1.86 -11.22 -19.98
CA LEU A 310 2.00 -12.40 -19.17
C LEU A 310 0.61 -13.02 -19.09
N GLU A 311 0.57 -14.34 -19.01
CA GLU A 311 -0.67 -15.08 -18.87
C GLU A 311 -0.85 -15.43 -17.42
N LEU A 312 -1.86 -14.80 -16.80
CA LEU A 312 -2.13 -15.03 -15.37
C LEU A 312 -3.54 -15.60 -15.28
N ASP A 313 -3.70 -16.84 -14.77
CA ASP A 313 -5.02 -17.49 -14.70
C ASP A 313 -5.76 -17.45 -16.06
N GLY A 314 -5.00 -17.66 -17.12
CA GLY A 314 -5.50 -17.75 -18.48
C GLY A 314 -5.95 -16.45 -19.12
N GLN A 315 -5.60 -15.30 -18.55
CA GLN A 315 -5.97 -13.99 -19.09
C GLN A 315 -4.67 -13.32 -19.48
N GLN A 316 -4.64 -12.64 -20.62
CA GLN A 316 -3.51 -11.83 -21.00
C GLN A 316 -3.48 -10.57 -20.14
N VAL A 317 -2.31 -10.29 -19.58
CA VAL A 317 -2.11 -9.12 -18.73
C VAL A 317 -0.95 -8.39 -19.30
N VAL A 318 -1.19 -7.15 -19.67
CA VAL A 318 -0.12 -6.32 -20.17
C VAL A 318 0.92 -5.93 -19.10
N VAL A 319 2.18 -6.03 -19.48
CA VAL A 319 3.28 -5.65 -18.67
C VAL A 319 4.19 -4.75 -19.48
N PRO A 320 4.30 -3.49 -19.08
CA PRO A 320 5.22 -2.58 -19.73
C PRO A 320 6.66 -3.08 -19.56
N GLN A 321 7.46 -2.91 -20.62
CA GLN A 321 8.88 -3.23 -20.61
C GLN A 321 9.74 -2.08 -21.10
N GLY A 322 9.12 -0.93 -21.40
CA GLY A 322 9.84 0.16 -22.07
C GLY A 322 10.24 1.24 -21.12
N GLN A 323 11.31 1.96 -21.47
CA GLN A 323 11.61 3.17 -20.74
C GLN A 323 10.55 4.23 -21.01
N PRO A 324 10.42 5.20 -20.10
CA PRO A 324 9.38 6.18 -20.28
C PRO A 324 9.65 7.07 -21.51
N VAL A 325 8.64 7.35 -22.28
CA VAL A 325 8.79 8.23 -23.43
C VAL A 325 7.74 9.32 -23.34
N PRO A 326 7.98 10.47 -24.04
CA PRO A 326 7.02 11.57 -24.00
C PRO A 326 5.74 11.22 -24.71
N CYS A 327 4.63 11.69 -24.15
CA CYS A 327 3.32 11.55 -24.76
C CYS A 327 2.84 12.98 -25.12
N PRO A 328 3.05 13.39 -26.38
CA PRO A 328 2.76 14.77 -26.77
C PRO A 328 1.39 15.20 -26.41
N GLU A 329 0.41 14.30 -26.44
CA GLU A 329 -0.99 14.70 -26.19
C GLU A 329 -1.17 15.16 -24.72
N PHE A 330 -0.26 14.74 -23.84
CA PHE A 330 -0.41 15.00 -22.42
C PHE A 330 0.77 15.80 -21.92
N SER A 331 1.46 16.47 -22.84
CA SER A 331 2.64 17.27 -22.48
C SER A 331 2.32 18.41 -21.56
N SER A 332 1.08 18.85 -21.52
CA SER A 332 0.71 19.88 -20.59
C SER A 332 -0.07 19.41 -19.35
N SER A 333 -0.21 18.09 -19.19
CA SER A 333 -0.88 17.52 -18.03
C SER A 333 -0.28 18.02 -16.70
N THR A 334 -1.15 18.11 -15.71
CA THR A 334 -0.68 18.44 -14.39
C THR A 334 0.09 17.30 -13.73
N PHE A 335 0.11 16.11 -14.38
CA PHE A 335 0.79 14.92 -13.90
C PHE A 335 2.07 14.67 -14.63
N SER A 336 3.21 14.63 -13.94
CA SER A 336 4.44 14.24 -14.66
C SER A 336 4.42 12.78 -15.09
N GLN A 337 3.89 11.94 -14.19
CA GLN A 337 3.83 10.49 -14.40
C GLN A 337 2.41 10.05 -14.20
N SER A 338 2.02 8.99 -14.87
CA SER A 338 0.59 8.57 -14.81
C SER A 338 0.21 7.98 -13.47
N GLU A 339 -1.05 8.20 -13.06
CA GLU A 339 -1.65 7.56 -11.91
C GLU A 339 -2.88 6.86 -12.46
N TYR A 340 -2.91 5.55 -12.22
CA TYR A 340 -3.97 4.67 -12.61
C TYR A 340 -4.92 4.42 -11.42
N LEU A 341 -6.20 4.79 -11.58
CA LEU A 341 -7.16 4.68 -10.52
C LEU A 341 -8.29 3.67 -10.86
N ILE A 342 -8.57 2.83 -9.87
CA ILE A 342 -9.82 2.06 -9.79
C ILE A 342 -10.59 2.47 -8.54
N TYR A 343 -11.91 2.34 -8.62
CA TYR A 343 -12.78 2.76 -7.54
C TYR A 343 -13.62 1.56 -6.96
N GLN A 344 -13.29 0.34 -7.37
CA GLN A 344 -13.84 -0.90 -6.76
C GLN A 344 -12.66 -1.77 -6.40
N GLU A 345 -12.62 -2.25 -5.17
CA GLU A 345 -11.50 -3.12 -4.71
C GLU A 345 -11.39 -4.41 -5.55
N SER A 346 -12.53 -4.86 -6.07
CA SER A 346 -12.58 -6.07 -6.88
C SER A 346 -11.84 -6.01 -8.21
N GLN A 347 -11.47 -4.82 -8.70
CA GLN A 347 -10.74 -4.67 -9.99
C GLN A 347 -9.24 -4.88 -9.91
N CYS A 348 -8.73 -5.14 -8.71
CA CYS A 348 -7.30 -5.42 -8.50
C CYS A 348 -7.15 -6.79 -7.83
N ARG A 349 -6.18 -7.54 -8.29
CA ARG A 349 -5.74 -8.78 -7.64
C ARG A 349 -4.23 -8.65 -7.37
N LEU A 350 -3.76 -8.80 -6.13
CA LEU A 350 -2.32 -8.80 -5.88
C LEU A 350 -1.70 -10.00 -6.60
N ARG A 351 -0.57 -9.80 -7.25
CA ARG A 351 0.11 -10.88 -7.98
C ARG A 351 1.56 -11.11 -7.50
N TYR A 352 2.31 -10.04 -7.23
CA TYR A 352 3.71 -10.12 -6.81
C TYR A 352 4.07 -9.11 -5.75
N LEU A 353 5.05 -9.51 -4.93
CA LEU A 353 5.68 -8.68 -3.93
C LEU A 353 7.17 -8.69 -4.18
N LEU A 354 7.77 -7.50 -4.22
CA LEU A 354 9.17 -7.37 -4.47
C LEU A 354 9.88 -6.79 -3.25
N GLU A 355 11.00 -7.39 -2.92
CA GLU A 355 11.92 -6.77 -1.96
C GLU A 355 13.00 -6.07 -2.78
N VAL A 356 13.21 -4.79 -2.51
CA VAL A 356 14.21 -4.00 -3.23
C VAL A 356 15.15 -3.24 -2.26
N HIS A 357 16.44 -3.14 -2.61
CA HIS A 357 17.36 -2.38 -1.76
C HIS A 357 17.80 -1.12 -2.53
CAI 8ME B . -2.35 3.18 3.90
CAE 8ME B . -3.17 2.20 4.46
CAD 8ME B . -4.45 2.12 3.99
CAH 8ME B . -4.90 2.98 2.99
NAN 8ME B . -4.11 3.90 2.47
CAT 8ME B . -2.83 4.00 2.89
CAX 8ME B . -1.95 5.09 2.31
CAA 8ME B . -2.65 6.41 2.66
NAP 8ME B . -1.85 4.99 0.85
CAR 8ME B . -0.94 4.20 0.29
OAB 8ME B . -0.15 3.56 0.96
CAL 8ME B . -0.88 4.19 -1.24
CAM 8ME B . 0.43 4.87 -1.64
CAS 8ME B . 0.56 5.08 -3.10
NAO 8ME B . 0.05 6.18 -3.73
CAV 8ME B . 0.23 6.27 -5.08
CAJ 8ME B . -0.25 7.42 -5.75
CAF 8ME B . -0.10 7.59 -7.13
CAG 8ME B . 0.57 6.56 -7.84
CAK 8ME B . 1.08 5.44 -7.15
CAW 8ME B . 0.95 5.29 -5.79
CAU 8ME B . 1.45 4.16 -5.15
OAC 8ME B . 2.10 3.25 -5.76
NAQ 8ME B . 1.24 4.11 -3.80
S DMS C . -4.49 0.52 0.66
O DMS C . -4.78 -1.16 0.82
C1 DMS C . -2.69 0.74 0.56
C2 DMS C . -4.78 1.11 -1.03
#